data_5CLV
#
_entry.id   5CLV
#
_cell.length_a   80.460
_cell.length_b   114.030
_cell.length_c   82.070
_cell.angle_alpha   90.000
_cell.angle_beta   99.590
_cell.angle_gamma   90.000
#
_symmetry.space_group_name_H-M   'P 1 21 1'
#
loop_
_entity.id
_entity.type
_entity.pdbx_description
1 polymer 'TrfB transcriptional repressor protein'
2 polymer "5'-D(CP*CP*AP*AP*GP*TP*TP*TP*AP*GP*CP*TP*AP*AP*AP*CP*TP*TP*GP*GP*)-3'"
3 polymer 'TrfB transcriptional repressor protein'
4 water water
#
loop_
_entity_poly.entity_id
_entity_poly.type
_entity_poly.pdbx_seq_one_letter_code
_entity_poly.pdbx_strand_id
1 'polypeptide(L)'
;KKRLTESQFQEAIQGLEVGQQTIEIARGVLVDGKPQATFATSLGLTRGAVSQAVHRVWAAFEDKNLPEGYARVTAVLPEH
QAYIVRKWEADAKKKQ
;
A,B
2 'polydeoxyribonucleotide' (DC)(DC)(DA)(DA)(DG)(DT)(DT)(DT)(DA)(DG)(DC)(DT)(DA)(DA)(DA)(DC)(DT)(DT)(DG)(DG) C,D,G,H,K,L,O,P
3 'polypeptide(L)' KKRLTESQFQEAIQGLEVGQQTIEIARGVLVDGKPQATFATSLGLTRGAVSQAVHRVWAAFEDKN E,F,I,J,M,N
#
# COMPACT_ATOMS: atom_id res chain seq x y z
N LYS A 1 31.53 -9.39 6.67
CA LYS A 1 32.46 -8.35 6.30
C LYS A 1 31.73 -7.26 5.51
N LYS A 2 31.19 -7.64 4.35
CA LYS A 2 30.43 -6.71 3.53
C LYS A 2 29.24 -6.17 4.30
N ARG A 3 29.13 -4.84 4.34
CA ARG A 3 28.03 -4.18 5.04
C ARG A 3 27.55 -2.93 4.31
N LEU A 4 26.32 -2.51 4.64
CA LEU A 4 25.72 -1.34 4.01
C LEU A 4 25.19 -0.39 5.07
N THR A 5 25.46 0.90 4.90
CA THR A 5 24.85 1.92 5.75
C THR A 5 23.34 1.85 5.57
N GLU A 6 22.62 2.51 6.48
CA GLU A 6 21.17 2.56 6.39
C GLU A 6 20.69 3.07 5.03
N SER A 7 21.32 4.14 4.56
CA SER A 7 20.90 4.81 3.33
C SER A 7 21.30 4.05 2.06
N GLN A 8 22.41 3.33 2.11
CA GLN A 8 22.83 2.50 0.98
C GLN A 8 21.88 1.33 0.82
N PHE A 9 21.38 0.83 1.94
CA PHE A 9 20.46 -0.29 1.93
C PHE A 9 19.13 0.15 1.36
N GLN A 10 18.69 1.34 1.75
CA GLN A 10 17.45 1.91 1.26
C GLN A 10 17.53 2.13 -0.25
N GLU A 11 18.70 2.55 -0.72
CA GLU A 11 18.93 2.73 -2.15
C GLU A 11 18.85 1.40 -2.89
N ALA A 12 19.49 0.38 -2.34
CA ALA A 12 19.57 -0.94 -2.97
C ALA A 12 18.21 -1.60 -3.12
N ILE A 13 17.33 -1.42 -2.14
CA ILE A 13 16.04 -2.08 -2.13
C ILE A 13 14.94 -1.25 -2.79
N GLN A 14 15.34 -0.18 -3.47
CA GLN A 14 14.39 0.71 -4.11
C GLN A 14 13.74 0.04 -5.33
N GLY A 15 12.49 -0.39 -5.16
CA GLY A 15 11.75 -0.98 -6.26
C GLY A 15 12.21 -2.38 -6.63
N LEU A 16 13.14 -2.92 -5.85
CA LEU A 16 13.67 -4.25 -6.08
C LEU A 16 12.59 -5.29 -5.85
N GLU A 17 12.27 -6.08 -6.87
CA GLU A 17 11.28 -7.13 -6.74
C GLU A 17 11.78 -8.25 -5.84
N VAL A 18 11.42 -8.18 -4.57
CA VAL A 18 11.94 -9.10 -3.57
C VAL A 18 11.00 -9.14 -2.36
N GLY A 19 10.78 -10.34 -1.81
CA GLY A 19 9.89 -10.52 -0.68
C GLY A 19 10.34 -9.79 0.56
N GLN A 20 9.47 -9.73 1.56
CA GLN A 20 9.79 -9.00 2.78
C GLN A 20 10.80 -9.76 3.64
N GLN A 21 10.78 -11.08 3.56
CA GLN A 21 11.73 -11.91 4.30
C GLN A 21 13.16 -11.61 3.86
N THR A 22 13.38 -11.61 2.55
CA THR A 22 14.69 -11.30 1.96
C THR A 22 15.17 -9.93 2.42
N ILE A 23 14.27 -8.96 2.46
CA ILE A 23 14.59 -7.62 2.92
C ILE A 23 15.05 -7.63 4.38
N GLU A 24 14.31 -8.35 5.22
CA GLU A 24 14.62 -8.43 6.65
C GLU A 24 15.96 -9.11 6.88
N ILE A 25 16.21 -10.16 6.11
CA ILE A 25 17.46 -10.91 6.19
C ILE A 25 18.64 -9.99 5.91
N ALA A 26 18.61 -9.33 4.76
CA ALA A 26 19.68 -8.42 4.36
C ALA A 26 19.84 -7.25 5.33
N ARG A 27 18.72 -6.76 5.86
CA ARG A 27 18.77 -5.67 6.83
C ARG A 27 19.55 -6.08 8.07
N GLY A 28 19.26 -7.27 8.60
CA GLY A 28 19.93 -7.75 9.78
C GLY A 28 21.39 -8.05 9.53
N VAL A 29 21.70 -8.49 8.32
CA VAL A 29 23.05 -8.90 7.96
C VAL A 29 23.92 -7.75 7.46
N LEU A 30 23.41 -6.99 6.50
CA LEU A 30 24.19 -5.95 5.84
C LEU A 30 24.19 -4.62 6.60
N VAL A 31 23.11 -4.34 7.32
CA VAL A 31 23.00 -3.09 8.07
C VAL A 31 23.29 -3.28 9.56
N ASP A 32 22.64 -4.27 10.16
CA ASP A 32 22.79 -4.51 11.59
C ASP A 32 23.95 -5.45 11.92
N GLY A 33 24.56 -5.99 10.88
CA GLY A 33 25.76 -6.80 11.03
C GLY A 33 25.58 -8.17 11.65
N LYS A 34 24.35 -8.61 11.79
CA LYS A 34 24.09 -9.94 12.33
C LYS A 34 24.61 -11.01 11.38
N PRO A 35 25.15 -12.12 11.92
CA PRO A 35 25.60 -13.22 11.08
C PRO A 35 24.43 -13.82 10.29
N GLN A 36 24.73 -14.53 9.21
CA GLN A 36 23.70 -15.14 8.40
C GLN A 36 23.11 -16.37 9.07
N ALA A 37 23.87 -16.96 9.98
CA ALA A 37 23.45 -18.16 10.69
C ALA A 37 22.22 -17.92 11.54
N THR A 38 22.09 -16.70 12.07
CA THR A 38 20.98 -16.38 12.94
C THR A 38 19.65 -16.46 12.20
N PHE A 39 19.64 -15.97 10.96
CA PHE A 39 18.43 -16.02 10.16
C PHE A 39 18.19 -17.42 9.62
N ALA A 40 19.27 -18.19 9.47
CA ALA A 40 19.15 -19.60 9.13
C ALA A 40 18.49 -20.35 10.29
N THR A 41 18.99 -20.09 11.49
CA THR A 41 18.46 -20.72 12.70
C THR A 41 17.02 -20.30 12.99
N SER A 42 16.76 -18.99 12.98
CA SER A 42 15.47 -18.45 13.39
C SER A 42 14.36 -18.67 12.37
N LEU A 43 14.72 -18.78 11.09
CA LEU A 43 13.72 -18.94 10.04
C LEU A 43 13.62 -20.38 9.53
N GLY A 44 14.50 -21.24 10.02
CA GLY A 44 14.52 -22.63 9.58
C GLY A 44 14.88 -22.73 8.12
N LEU A 45 15.77 -21.84 7.68
CA LEU A 45 16.23 -21.83 6.30
C LEU A 45 17.66 -22.37 6.22
N THR A 46 17.98 -22.99 5.09
CA THR A 46 19.32 -23.54 4.88
C THR A 46 20.33 -22.41 4.68
N ARG A 47 21.60 -22.72 4.85
CA ARG A 47 22.66 -21.73 4.72
C ARG A 47 22.68 -21.12 3.33
N GLY A 48 22.31 -21.93 2.34
CA GLY A 48 22.25 -21.48 0.97
C GLY A 48 21.25 -20.36 0.75
N ALA A 49 20.04 -20.54 1.27
CA ALA A 49 18.95 -19.58 1.09
C ALA A 49 19.31 -18.20 1.60
N VAL A 50 19.72 -18.12 2.86
CA VAL A 50 20.09 -16.86 3.49
C VAL A 50 21.18 -16.14 2.68
N SER A 51 22.14 -16.91 2.20
CA SER A 51 23.26 -16.36 1.43
C SER A 51 22.80 -15.79 0.09
N GLN A 52 21.92 -16.53 -0.59
CA GLN A 52 21.34 -16.05 -1.84
C GLN A 52 20.49 -14.80 -1.60
N ALA A 53 19.83 -14.77 -0.44
CA ALA A 53 18.98 -13.63 -0.07
C ALA A 53 19.79 -12.36 0.12
N VAL A 54 20.85 -12.45 0.91
CA VAL A 54 21.75 -11.33 1.15
C VAL A 54 22.44 -10.92 -0.16
N HIS A 55 22.75 -11.92 -0.99
CA HIS A 55 23.43 -11.67 -2.26
C HIS A 55 22.61 -10.76 -3.19
N ARG A 56 21.31 -11.01 -3.28
CA ARG A 56 20.44 -10.22 -4.14
C ARG A 56 20.49 -8.73 -3.81
N VAL A 57 20.35 -8.41 -2.52
CA VAL A 57 20.37 -7.03 -2.07
C VAL A 57 21.74 -6.39 -2.25
N TRP A 58 22.80 -7.17 -2.05
CA TRP A 58 24.15 -6.69 -2.26
C TRP A 58 24.40 -6.40 -3.73
N ALA A 59 24.06 -7.37 -4.59
CA ALA A 59 24.20 -7.20 -6.02
C ALA A 59 23.37 -6.02 -6.50
N ALA A 60 22.18 -5.87 -5.91
CA ALA A 60 21.33 -4.74 -6.21
C ALA A 60 22.06 -3.42 -5.96
N PHE A 61 22.71 -3.34 -4.80
CA PHE A 61 23.49 -2.15 -4.45
C PHE A 61 24.62 -1.91 -5.46
N GLU A 62 25.23 -3.00 -5.92
CA GLU A 62 26.32 -2.89 -6.90
C GLU A 62 25.80 -2.51 -8.28
N ASP A 63 24.53 -2.80 -8.55
CA ASP A 63 23.90 -2.43 -9.82
C ASP A 63 23.51 -0.96 -9.80
N LYS A 64 23.31 -0.43 -8.60
CA LYS A 64 23.26 1.00 -8.38
C LYS A 64 24.65 1.37 -7.90
N ASN A 65 24.80 2.45 -7.15
CA ASN A 65 26.11 2.87 -6.66
C ASN A 65 27.08 3.08 -7.82
N LEU A 66 26.52 3.54 -8.94
CA LEU A 66 27.31 3.96 -10.09
C LEU A 66 27.01 5.43 -10.26
N PRO A 67 27.95 6.19 -10.86
CA PRO A 67 27.64 7.60 -11.15
C PRO A 67 26.33 7.70 -11.95
N GLU A 68 25.45 8.61 -11.53
CA GLU A 68 24.15 8.74 -12.19
C GLU A 68 24.30 9.14 -13.65
N GLY A 69 23.54 8.46 -14.51
CA GLY A 69 23.66 8.65 -15.94
C GLY A 69 24.49 7.56 -16.57
N TYR A 70 24.87 6.59 -15.75
CA TYR A 70 25.69 5.45 -16.20
C TYR A 70 24.98 4.13 -15.94
N ALA A 71 25.57 3.05 -16.42
CA ALA A 71 25.06 1.70 -16.21
C ALA A 71 26.15 0.67 -16.51
N ARG A 72 26.11 -0.46 -15.82
CA ARG A 72 27.04 -1.54 -16.09
C ARG A 72 26.47 -2.49 -17.13
N VAL A 73 27.28 -2.82 -18.14
CA VAL A 73 26.88 -3.77 -19.15
C VAL A 73 27.97 -4.81 -19.38
N THR A 74 27.55 -6.01 -19.77
CA THR A 74 28.46 -7.09 -20.08
C THR A 74 27.92 -7.92 -21.23
N ALA A 75 28.81 -8.33 -22.13
CA ALA A 75 28.42 -9.13 -23.29
C ALA A 75 29.65 -9.68 -23.98
N VAL A 76 29.47 -10.77 -24.72
CA VAL A 76 30.53 -11.22 -25.62
C VAL A 76 30.28 -10.62 -27.00
N LEU A 77 31.31 -9.99 -27.55
CA LEU A 77 31.15 -9.18 -28.76
C LEU A 77 32.32 -9.41 -29.71
N PRO A 78 32.13 -9.08 -30.99
CA PRO A 78 33.23 -9.16 -31.97
C PRO A 78 34.44 -8.33 -31.55
N GLU A 79 35.62 -8.71 -32.06
CA GLU A 79 36.87 -8.03 -31.77
C GLU A 79 36.78 -6.52 -31.91
N HIS A 80 36.08 -6.06 -32.94
CA HIS A 80 35.95 -4.63 -33.20
C HIS A 80 35.15 -3.95 -32.09
N GLN A 81 33.93 -4.44 -31.87
CA GLN A 81 33.06 -3.86 -30.85
C GLN A 81 33.65 -4.03 -29.46
N ALA A 82 34.40 -5.10 -29.26
CA ALA A 82 35.12 -5.31 -28.02
C ALA A 82 36.14 -4.20 -27.82
N TYR A 83 36.80 -3.82 -28.91
CA TYR A 83 37.80 -2.76 -28.86
C TYR A 83 37.20 -1.42 -28.48
N ILE A 84 36.08 -1.09 -29.11
CA ILE A 84 35.41 0.18 -28.86
C ILE A 84 35.02 0.32 -27.39
N VAL A 85 34.43 -0.73 -26.84
CA VAL A 85 34.01 -0.75 -25.44
C VAL A 85 35.20 -0.49 -24.51
N ARG A 86 36.34 -1.11 -24.82
CA ARG A 86 37.58 -0.89 -24.08
C ARG A 86 37.88 0.60 -23.95
N LYS A 87 37.84 1.30 -25.08
CA LYS A 87 38.07 2.74 -25.09
C LYS A 87 37.04 3.50 -24.27
N TRP A 88 35.76 3.18 -24.50
CA TRP A 88 34.66 3.88 -23.83
C TRP A 88 34.79 3.84 -22.30
N GLU A 89 35.24 2.71 -21.76
CA GLU A 89 35.41 2.59 -20.32
C GLU A 89 36.59 3.43 -19.83
N ALA A 90 37.58 3.61 -20.69
CA ALA A 90 38.71 4.47 -20.35
C ALA A 90 38.25 5.93 -20.28
N ASP A 91 37.48 6.35 -21.28
CA ASP A 91 36.94 7.70 -21.30
C ASP A 91 35.95 7.91 -20.17
N ALA A 92 35.25 6.83 -19.81
CA ALA A 92 34.31 6.86 -18.69
C ALA A 92 35.07 7.01 -17.38
N LYS A 93 36.28 6.44 -17.33
CA LYS A 93 37.15 6.57 -16.16
C LYS A 93 37.99 7.83 -16.20
N LYS A 94 37.46 8.88 -16.80
CA LYS A 94 38.05 10.21 -16.74
C LYS A 94 37.08 11.13 -16.02
N LYS A 95 35.81 10.76 -16.04
CA LYS A 95 34.76 11.54 -15.40
C LYS A 95 34.21 10.82 -14.18
N LYS B 1 12.01 -24.81 -34.11
CA LYS B 1 12.71 -23.69 -33.53
C LYS B 1 14.20 -24.01 -33.37
N LYS B 2 14.76 -23.67 -32.21
CA LYS B 2 16.16 -23.93 -31.94
C LYS B 2 16.42 -25.42 -31.77
N ARG B 3 17.10 -26.02 -32.74
CA ARG B 3 17.38 -27.44 -32.72
C ARG B 3 18.85 -27.76 -32.93
N LEU B 4 19.23 -29.01 -32.70
CA LEU B 4 20.61 -29.45 -32.84
C LEU B 4 20.71 -30.85 -33.44
N THR B 5 21.83 -31.11 -34.11
CA THR B 5 22.14 -32.45 -34.59
C THR B 5 22.82 -33.24 -33.47
N GLU B 6 23.20 -34.48 -33.78
CA GLU B 6 23.82 -35.34 -32.78
C GLU B 6 25.25 -34.89 -32.45
N SER B 7 25.97 -34.41 -33.46
CA SER B 7 27.34 -33.95 -33.27
C SER B 7 27.37 -32.70 -32.40
N GLN B 8 26.44 -31.79 -32.66
CA GLN B 8 26.34 -30.54 -31.90
C GLN B 8 25.93 -30.80 -30.46
N PHE B 9 25.04 -31.77 -30.27
CA PHE B 9 24.55 -32.12 -28.95
C PHE B 9 25.65 -32.81 -28.13
N GLN B 10 26.37 -33.73 -28.77
CA GLN B 10 27.50 -34.39 -28.14
C GLN B 10 28.66 -33.41 -27.90
N GLU B 11 28.64 -32.30 -28.61
CA GLU B 11 29.58 -31.21 -28.38
C GLU B 11 29.08 -30.31 -27.25
N ALA B 12 27.77 -30.08 -27.23
CA ALA B 12 27.15 -29.26 -26.21
C ALA B 12 27.34 -29.86 -24.81
N ILE B 13 27.07 -31.16 -24.69
CA ILE B 13 27.19 -31.86 -23.42
C ILE B 13 28.63 -32.05 -22.99
N GLN B 14 29.56 -31.88 -23.93
CA GLN B 14 30.98 -32.11 -23.67
C GLN B 14 31.56 -31.11 -22.68
N GLY B 15 31.71 -31.53 -21.43
CA GLY B 15 32.32 -30.70 -20.40
C GLY B 15 31.32 -30.02 -19.50
N LEU B 16 30.04 -30.14 -19.84
CA LEU B 16 28.97 -29.51 -19.06
C LEU B 16 28.67 -30.29 -17.78
N GLU B 17 28.53 -29.58 -16.66
CA GLU B 17 28.04 -30.21 -15.44
C GLU B 17 26.53 -30.40 -15.56
N VAL B 18 26.11 -31.65 -15.64
CA VAL B 18 24.73 -31.96 -15.98
C VAL B 18 24.39 -33.41 -15.65
N GLY B 19 23.24 -33.62 -15.02
CA GLY B 19 22.77 -34.96 -14.72
C GLY B 19 22.39 -35.71 -15.97
N GLN B 20 21.70 -36.84 -15.81
CA GLN B 20 21.29 -37.64 -16.96
C GLN B 20 19.90 -37.25 -17.47
N GLN B 21 19.04 -36.80 -16.56
CA GLN B 21 17.70 -36.38 -16.95
C GLN B 21 17.73 -35.14 -17.83
N THR B 22 18.59 -34.19 -17.48
CA THR B 22 18.73 -32.97 -18.26
C THR B 22 19.25 -33.26 -19.67
N ILE B 23 20.14 -34.25 -19.76
CA ILE B 23 20.64 -34.68 -21.06
C ILE B 23 19.52 -35.32 -21.88
N GLU B 24 18.71 -36.17 -21.23
CA GLU B 24 17.54 -36.76 -21.85
C GLU B 24 16.63 -35.69 -22.41
N ILE B 25 16.16 -34.82 -21.52
CA ILE B 25 15.21 -33.77 -21.86
C ILE B 25 15.68 -32.93 -23.04
N ALA B 26 16.92 -32.47 -22.98
CA ALA B 26 17.49 -31.64 -24.04
C ALA B 26 17.60 -32.40 -25.36
N ARG B 27 17.99 -33.66 -25.28
CA ARG B 27 18.08 -34.51 -26.46
C ARG B 27 16.71 -34.61 -27.15
N GLY B 28 15.65 -34.72 -26.35
CA GLY B 28 14.31 -34.86 -26.87
C GLY B 28 13.81 -33.67 -27.66
N VAL B 29 14.04 -32.46 -27.15
CA VAL B 29 13.51 -31.27 -27.81
C VAL B 29 14.48 -30.61 -28.78
N LEU B 30 15.77 -30.67 -28.49
CA LEU B 30 16.76 -30.07 -29.38
C LEU B 30 17.10 -30.99 -30.55
N VAL B 31 17.31 -32.27 -30.27
CA VAL B 31 17.69 -33.22 -31.31
C VAL B 31 16.49 -33.95 -31.93
N ASP B 32 15.53 -34.35 -31.10
CA ASP B 32 14.40 -35.16 -31.58
C ASP B 32 13.12 -34.39 -31.81
N GLY B 33 13.15 -33.07 -31.59
CA GLY B 33 12.02 -32.22 -31.92
C GLY B 33 10.76 -32.41 -31.09
N LYS B 34 10.81 -33.33 -30.13
CA LYS B 34 9.69 -33.55 -29.21
C LYS B 34 9.43 -32.26 -28.43
N PRO B 35 8.14 -31.93 -28.20
CA PRO B 35 7.83 -30.74 -27.41
C PRO B 35 8.36 -30.84 -25.98
N GLN B 36 8.50 -29.70 -25.31
CA GLN B 36 8.93 -29.70 -23.91
C GLN B 36 7.80 -30.14 -23.01
N ALA B 37 6.57 -29.98 -23.49
CA ALA B 37 5.38 -30.29 -22.72
C ALA B 37 5.28 -31.77 -22.38
N THR B 38 5.60 -32.62 -23.36
CA THR B 38 5.51 -34.07 -23.15
C THR B 38 6.52 -34.54 -22.13
N PHE B 39 7.65 -33.84 -22.04
CA PHE B 39 8.68 -34.21 -21.08
C PHE B 39 8.29 -33.82 -19.66
N ALA B 40 7.49 -32.77 -19.54
CA ALA B 40 6.96 -32.37 -18.24
C ALA B 40 5.99 -33.42 -17.73
N THR B 41 5.16 -33.93 -18.65
CA THR B 41 4.13 -34.90 -18.30
C THR B 41 4.72 -36.22 -17.82
N SER B 42 5.66 -36.77 -18.57
CA SER B 42 6.21 -38.09 -18.28
C SER B 42 7.09 -38.08 -17.03
N LEU B 43 7.84 -36.99 -16.84
CA LEU B 43 8.78 -36.90 -15.72
C LEU B 43 8.17 -36.23 -14.49
N GLY B 44 6.91 -35.83 -14.59
CA GLY B 44 6.21 -35.19 -13.48
C GLY B 44 6.89 -33.90 -13.06
N LEU B 45 6.85 -32.90 -13.92
CA LEU B 45 7.57 -31.65 -13.70
C LEU B 45 6.78 -30.45 -14.16
N THR B 46 7.12 -29.28 -13.61
CA THR B 46 6.54 -28.02 -14.06
C THR B 46 7.16 -27.66 -15.41
N ARG B 47 6.51 -26.75 -16.13
CA ARG B 47 7.02 -26.34 -17.44
C ARG B 47 8.38 -25.69 -17.33
N GLY B 48 8.57 -24.89 -16.29
CA GLY B 48 9.81 -24.17 -16.08
C GLY B 48 11.02 -25.06 -15.90
N ALA B 49 10.88 -26.11 -15.11
CA ALA B 49 11.97 -27.04 -14.85
C ALA B 49 12.49 -27.67 -16.14
N VAL B 50 11.57 -28.01 -17.02
CA VAL B 50 11.92 -28.59 -18.32
C VAL B 50 12.60 -27.54 -19.19
N SER B 51 12.13 -26.30 -19.09
CA SER B 51 12.68 -25.20 -19.87
C SER B 51 14.09 -24.85 -19.42
N GLN B 52 14.34 -24.94 -18.13
CA GLN B 52 15.67 -24.66 -17.58
C GLN B 52 16.67 -25.70 -18.06
N ALA B 53 16.23 -26.94 -18.15
CA ALA B 53 17.10 -28.05 -18.55
C ALA B 53 17.49 -27.93 -20.02
N VAL B 54 16.54 -27.56 -20.86
CA VAL B 54 16.82 -27.35 -22.28
C VAL B 54 17.78 -26.19 -22.46
N HIS B 55 17.49 -25.08 -21.79
CA HIS B 55 18.29 -23.86 -21.88
C HIS B 55 19.77 -24.10 -21.55
N ARG B 56 20.03 -24.91 -20.53
CA ARG B 56 21.39 -25.18 -20.10
C ARG B 56 22.25 -25.84 -21.18
N VAL B 57 21.64 -26.78 -21.91
CA VAL B 57 22.36 -27.45 -23.00
C VAL B 57 22.48 -26.54 -24.22
N TRP B 58 21.40 -25.80 -24.50
CA TRP B 58 21.40 -24.85 -25.61
C TRP B 58 22.44 -23.75 -25.41
N ALA B 59 22.51 -23.23 -24.19
CA ALA B 59 23.46 -22.16 -23.86
C ALA B 59 24.91 -22.63 -24.00
N ALA B 60 25.17 -23.85 -23.55
CA ALA B 60 26.51 -24.42 -23.62
C ALA B 60 27.01 -24.52 -25.06
N PHE B 61 26.10 -24.84 -25.97
CA PHE B 61 26.45 -24.92 -27.40
C PHE B 61 26.66 -23.53 -28.00
N GLU B 62 25.81 -22.57 -27.62
CA GLU B 62 25.97 -21.20 -28.06
C GLU B 62 27.25 -20.61 -27.50
N ASP B 63 27.68 -21.14 -26.35
CA ASP B 63 28.92 -20.70 -25.72
C ASP B 63 30.11 -21.54 -26.17
N LYS B 64 29.88 -22.42 -27.13
CA LYS B 64 30.97 -23.07 -27.85
C LYS B 64 31.40 -22.13 -28.96
N ASN B 65 32.02 -21.02 -28.54
CA ASN B 65 32.41 -19.90 -29.41
C ASN B 65 31.32 -19.47 -30.46
N LEU B 66 31.44 -19.54 -31.80
CA LEU B 66 32.58 -19.95 -32.64
C LEU B 66 33.06 -18.85 -33.59
N PRO B 67 33.67 -17.78 -33.05
CA PRO B 67 34.49 -16.95 -33.92
C PRO B 67 35.71 -16.39 -33.19
N GLU B 68 36.03 -16.96 -32.03
CA GLU B 68 36.85 -16.35 -30.97
C GLU B 68 37.87 -15.25 -31.33
N GLY B 69 37.43 -14.29 -32.14
CA GLY B 69 37.99 -12.95 -32.12
C GLY B 69 37.09 -12.28 -31.11
N TYR B 70 35.93 -12.90 -30.94
CA TYR B 70 34.96 -12.53 -29.91
C TYR B 70 35.59 -12.61 -28.54
N ALA B 71 35.15 -11.74 -27.64
CA ALA B 71 35.70 -11.68 -26.30
C ALA B 71 34.65 -11.18 -25.32
N ARG B 72 34.70 -11.69 -24.09
CA ARG B 72 33.77 -11.25 -23.07
C ARG B 72 34.20 -9.90 -22.50
N VAL B 73 33.35 -8.90 -22.66
CA VAL B 73 33.67 -7.56 -22.20
C VAL B 73 32.66 -7.09 -21.15
N THR B 74 33.16 -6.38 -20.15
CA THR B 74 32.31 -5.80 -19.12
C THR B 74 32.79 -4.39 -18.79
N ALA B 75 31.86 -3.46 -18.72
CA ALA B 75 32.22 -2.04 -18.61
C ALA B 75 31.13 -1.23 -17.92
N VAL B 76 31.51 -0.11 -17.34
CA VAL B 76 30.56 0.84 -16.78
C VAL B 76 30.56 2.08 -17.66
N LEU B 77 29.46 2.30 -18.37
CA LEU B 77 29.40 3.35 -19.38
C LEU B 77 28.19 4.25 -19.18
N PRO B 78 28.21 5.44 -19.81
CA PRO B 78 27.01 6.27 -19.90
C PRO B 78 25.91 5.57 -20.69
N GLU B 79 24.65 5.91 -20.43
CA GLU B 79 23.50 5.21 -21.01
C GLU B 79 23.50 5.13 -22.54
N HIS B 80 23.90 6.20 -23.21
CA HIS B 80 23.91 6.21 -24.67
C HIS B 80 24.91 5.20 -25.22
N GLN B 81 26.02 5.00 -24.51
CA GLN B 81 26.99 4.00 -24.92
C GLN B 81 26.61 2.62 -24.42
N ALA B 82 25.91 2.58 -23.29
CA ALA B 82 25.46 1.32 -22.71
C ALA B 82 24.38 0.71 -23.60
N TYR B 83 23.50 1.56 -24.12
CA TYR B 83 22.42 1.14 -25.01
C TYR B 83 22.98 0.45 -26.25
N ILE B 84 23.99 1.08 -26.84
CA ILE B 84 24.66 0.55 -28.02
C ILE B 84 25.29 -0.82 -27.75
N VAL B 85 25.92 -0.94 -26.58
CA VAL B 85 26.53 -2.21 -26.18
C VAL B 85 25.45 -3.27 -26.02
N ARG B 86 24.33 -2.89 -25.42
CA ARG B 86 23.20 -3.79 -25.28
C ARG B 86 22.63 -4.15 -26.66
N LYS B 87 22.58 -3.17 -27.55
CA LYS B 87 22.16 -3.44 -28.94
C LYS B 87 23.12 -4.39 -29.62
N TRP B 88 24.42 -4.19 -29.39
CA TRP B 88 25.44 -5.04 -30.00
C TRP B 88 25.31 -6.50 -29.57
N GLU B 89 25.01 -6.75 -28.33
CA GLU B 89 24.91 -8.09 -27.85
C GLU B 89 23.73 -8.72 -28.48
N ALA B 90 22.73 -7.92 -28.75
CA ALA B 90 21.50 -8.41 -29.27
C ALA B 90 21.62 -8.68 -30.74
N ASP B 91 22.46 -7.93 -31.42
CA ASP B 91 22.88 -8.26 -32.78
C ASP B 91 23.60 -9.61 -32.79
N ALA B 92 24.54 -9.76 -31.87
CA ALA B 92 25.36 -10.98 -31.80
C ALA B 92 24.55 -12.23 -31.49
N LYS B 93 23.47 -12.09 -30.72
CA LYS B 93 22.67 -13.25 -30.34
C LYS B 93 21.70 -13.66 -31.45
N LYS B 94 21.51 -12.78 -32.43
CA LYS B 94 20.71 -13.11 -33.60
C LYS B 94 21.59 -13.72 -34.69
N LYS B 95 22.76 -13.11 -34.89
CA LYS B 95 23.70 -13.54 -35.92
C LYS B 95 24.22 -14.95 -35.63
N GLN B 96 24.08 -15.39 -34.39
CA GLN B 96 24.44 -16.76 -34.02
C GLN B 96 23.20 -17.51 -33.52
N LYS E 1 -1.07 -25.87 8.77
CA LYS E 1 -1.11 -27.33 8.73
C LYS E 1 -1.77 -27.87 7.46
N LYS E 2 -2.65 -27.06 6.87
CA LYS E 2 -3.36 -27.45 5.66
C LYS E 2 -2.74 -26.81 4.41
N ARG E 3 -2.18 -27.65 3.54
CA ARG E 3 -1.56 -27.15 2.31
C ARG E 3 -1.95 -27.98 1.08
N LEU E 4 -2.00 -27.32 -0.07
CA LEU E 4 -2.28 -27.98 -1.33
C LEU E 4 -1.21 -27.60 -2.34
N THR E 5 -0.87 -28.51 -3.25
CA THR E 5 0.02 -28.18 -4.35
C THR E 5 -0.73 -27.27 -5.31
N GLU E 6 -0.01 -26.64 -6.23
CA GLU E 6 -0.64 -25.75 -7.19
C GLU E 6 -1.54 -26.53 -8.13
N SER E 7 -1.28 -27.84 -8.23
CA SER E 7 -2.11 -28.73 -9.05
C SER E 7 -3.45 -28.97 -8.39
N GLN E 8 -3.43 -29.45 -7.15
CA GLN E 8 -4.65 -29.74 -6.40
C GLN E 8 -5.49 -28.49 -6.23
N PHE E 9 -4.82 -27.35 -6.06
CA PHE E 9 -5.49 -26.07 -5.89
C PHE E 9 -6.18 -25.62 -7.17
N GLN E 10 -5.50 -25.80 -8.31
CA GLN E 10 -6.06 -25.45 -9.60
C GLN E 10 -7.26 -26.33 -9.93
N GLU E 11 -7.21 -27.57 -9.45
CA GLU E 11 -8.32 -28.51 -9.60
C GLU E 11 -9.51 -28.07 -8.76
N ALA E 12 -9.21 -27.49 -7.59
CA ALA E 12 -10.24 -27.10 -6.64
C ALA E 12 -11.08 -25.93 -7.14
N ILE E 13 -10.41 -24.86 -7.58
CA ILE E 13 -11.09 -23.63 -7.97
C ILE E 13 -11.86 -23.74 -9.28
N GLN E 14 -11.82 -24.91 -9.91
CA GLN E 14 -12.50 -25.11 -11.19
C GLN E 14 -14.00 -25.32 -11.00
N GLY E 15 -14.79 -24.43 -11.58
CA GLY E 15 -16.24 -24.51 -11.48
C GLY E 15 -16.77 -23.77 -10.26
N LEU E 16 -15.88 -23.50 -9.32
CA LEU E 16 -16.22 -22.80 -8.09
C LEU E 16 -16.56 -21.34 -8.37
N GLU E 17 -17.71 -20.90 -7.85
CA GLU E 17 -18.15 -19.53 -8.08
C GLU E 17 -17.65 -18.57 -7.00
N VAL E 18 -16.35 -18.29 -7.02
CA VAL E 18 -15.77 -17.34 -6.08
C VAL E 18 -14.99 -16.25 -6.80
N GLY E 19 -14.96 -15.06 -6.20
CA GLY E 19 -14.29 -13.91 -6.80
C GLY E 19 -12.78 -14.09 -6.89
N GLN E 20 -12.13 -13.13 -7.54
CA GLN E 20 -10.68 -13.18 -7.73
C GLN E 20 -9.95 -13.16 -6.39
N GLN E 21 -10.37 -12.25 -5.52
CA GLN E 21 -9.75 -12.07 -4.20
C GLN E 21 -9.74 -13.36 -3.37
N THR E 22 -10.88 -14.06 -3.36
CA THR E 22 -10.99 -15.30 -2.59
C THR E 22 -10.03 -16.38 -3.10
N ILE E 23 -9.89 -16.48 -4.42
CA ILE E 23 -8.97 -17.44 -5.01
C ILE E 23 -7.52 -17.13 -4.63
N GLU E 24 -7.13 -15.86 -4.77
CA GLU E 24 -5.77 -15.44 -4.46
C GLU E 24 -5.44 -15.62 -2.98
N ILE E 25 -6.40 -15.31 -2.12
CA ILE E 25 -6.24 -15.49 -0.68
C ILE E 25 -5.96 -16.95 -0.34
N ALA E 26 -6.73 -17.84 -0.94
CA ALA E 26 -6.56 -19.28 -0.73
C ALA E 26 -5.26 -19.78 -1.34
N ARG E 27 -4.78 -19.07 -2.37
CA ARG E 27 -3.53 -19.41 -3.04
C ARG E 27 -2.34 -19.20 -2.13
N GLY E 28 -2.31 -18.05 -1.46
CA GLY E 28 -1.23 -17.73 -0.55
C GLY E 28 -1.22 -18.60 0.69
N VAL E 29 -2.41 -19.01 1.12
CA VAL E 29 -2.55 -19.80 2.35
C VAL E 29 -2.25 -21.28 2.13
N LEU E 30 -2.80 -21.85 1.06
CA LEU E 30 -2.70 -23.29 0.83
C LEU E 30 -1.50 -23.68 -0.03
N VAL E 31 -1.22 -22.91 -1.07
CA VAL E 31 -0.08 -23.20 -1.93
C VAL E 31 1.20 -22.57 -1.37
N ASP E 32 1.13 -21.29 -1.00
CA ASP E 32 2.30 -20.56 -0.55
C ASP E 32 2.57 -20.70 0.96
N GLY E 33 1.54 -21.08 1.72
CA GLY E 33 1.69 -21.31 3.15
C GLY E 33 1.80 -20.03 3.97
N LYS E 34 1.35 -18.91 3.41
CA LYS E 34 1.37 -17.64 4.12
C LYS E 34 0.30 -17.66 5.22
N PRO E 35 0.53 -16.87 6.29
CA PRO E 35 -0.50 -16.74 7.33
C PRO E 35 -1.72 -15.98 6.82
N GLN E 36 -2.90 -16.33 7.33
CA GLN E 36 -4.12 -15.63 6.98
C GLN E 36 -4.05 -14.18 7.46
N ALA E 37 -3.27 -13.96 8.51
CA ALA E 37 -3.12 -12.64 9.11
C ALA E 37 -2.50 -11.62 8.14
N THR E 38 -1.67 -12.11 7.21
CA THR E 38 -1.04 -11.22 6.24
C THR E 38 -2.06 -10.71 5.25
N PHE E 39 -2.91 -11.61 4.75
CA PHE E 39 -3.97 -11.22 3.82
C PHE E 39 -5.02 -10.37 4.52
N ALA E 40 -5.26 -10.66 5.79
CA ALA E 40 -6.18 -9.86 6.59
C ALA E 40 -5.61 -8.45 6.78
N THR E 41 -4.29 -8.36 6.81
CA THR E 41 -3.61 -7.09 7.00
C THR E 41 -3.54 -6.27 5.71
N SER E 42 -3.01 -6.89 4.66
CA SER E 42 -2.79 -6.21 3.38
C SER E 42 -4.09 -5.76 2.72
N LEU E 43 -5.13 -6.59 2.86
CA LEU E 43 -6.42 -6.27 2.24
C LEU E 43 -7.27 -5.42 3.17
N GLY E 44 -7.03 -5.54 4.46
CA GLY E 44 -7.80 -4.79 5.45
C GLY E 44 -9.12 -5.46 5.79
N LEU E 45 -9.11 -6.79 5.74
CA LEU E 45 -10.30 -7.57 6.06
C LEU E 45 -10.21 -8.12 7.47
N THR E 46 -11.35 -8.36 8.09
CA THR E 46 -11.39 -9.09 9.34
C THR E 46 -10.81 -10.48 9.09
N ARG E 47 -10.18 -11.06 10.10
CA ARG E 47 -9.53 -12.36 9.94
C ARG E 47 -10.57 -13.45 9.71
N GLY E 48 -11.81 -13.17 10.12
CA GLY E 48 -12.93 -14.08 9.86
C GLY E 48 -13.19 -14.22 8.37
N ALA E 49 -13.19 -13.11 7.65
CA ALA E 49 -13.44 -13.09 6.21
C ALA E 49 -12.42 -13.92 5.46
N VAL E 50 -11.15 -13.75 5.80
CA VAL E 50 -10.08 -14.53 5.18
C VAL E 50 -10.27 -16.00 5.50
N SER E 51 -10.66 -16.30 6.74
CA SER E 51 -10.87 -17.67 7.17
C SER E 51 -12.03 -18.31 6.40
N GLN E 52 -13.03 -17.51 6.07
CA GLN E 52 -14.16 -17.97 5.27
C GLN E 52 -13.72 -18.21 3.83
N ALA E 53 -12.99 -17.25 3.28
CA ALA E 53 -12.49 -17.34 1.90
C ALA E 53 -11.61 -18.57 1.71
N VAL E 54 -10.72 -18.82 2.66
CA VAL E 54 -9.85 -20.00 2.62
C VAL E 54 -10.67 -21.29 2.74
N HIS E 55 -11.69 -21.26 3.60
CA HIS E 55 -12.55 -22.43 3.83
C HIS E 55 -13.22 -22.93 2.55
N ARG E 56 -13.91 -22.04 1.85
CA ARG E 56 -14.62 -22.37 0.62
C ARG E 56 -13.76 -23.15 -0.36
N VAL E 57 -12.59 -22.59 -0.69
CA VAL E 57 -11.69 -23.19 -1.64
C VAL E 57 -11.15 -24.53 -1.14
N TRP E 58 -11.07 -24.68 0.18
CA TRP E 58 -10.62 -25.94 0.77
C TRP E 58 -11.69 -27.03 0.64
N ALA E 59 -12.92 -26.70 1.02
CA ALA E 59 -14.03 -27.64 0.96
C ALA E 59 -14.30 -28.12 -0.47
N ALA E 60 -13.97 -27.28 -1.44
CA ALA E 60 -14.06 -27.66 -2.85
C ALA E 60 -13.11 -28.81 -3.14
N PHE E 61 -11.91 -28.73 -2.58
CA PHE E 61 -10.92 -29.80 -2.70
C PHE E 61 -11.38 -31.04 -1.95
N GLU E 62 -12.14 -30.84 -0.88
CA GLU E 62 -12.63 -31.94 -0.06
C GLU E 62 -13.72 -32.74 -0.77
N ASP E 63 -14.60 -32.04 -1.48
CA ASP E 63 -15.69 -32.70 -2.19
C ASP E 63 -15.19 -33.54 -3.35
N LYS E 64 -14.16 -33.05 -4.04
CA LYS E 64 -13.58 -33.75 -5.17
C LYS E 64 -12.50 -34.72 -4.68
N ASN E 65 -12.87 -35.58 -3.73
CA ASN E 65 -11.93 -36.52 -3.14
C ASN E 65 -12.48 -37.94 -3.12
N LYS F 1 -49.00 -19.55 2.26
CA LYS F 1 -48.16 -20.72 2.48
C LYS F 1 -47.02 -20.41 3.43
N LYS F 2 -46.65 -21.41 4.24
CA LYS F 2 -45.62 -21.30 5.28
C LYS F 2 -46.05 -20.42 6.45
N ARG F 3 -46.83 -21.01 7.36
CA ARG F 3 -47.24 -20.32 8.57
C ARG F 3 -47.18 -21.24 9.77
N LEU F 4 -47.13 -20.65 10.96
CA LEU F 4 -47.04 -21.40 12.20
C LEU F 4 -47.93 -20.77 13.25
N THR F 5 -48.49 -21.61 14.13
CA THR F 5 -49.22 -21.09 15.28
C THR F 5 -48.22 -20.49 16.26
N GLU F 6 -48.74 -19.84 17.30
CA GLU F 6 -47.86 -19.24 18.31
C GLU F 6 -47.12 -20.30 19.11
N SER F 7 -47.76 -21.44 19.36
CA SER F 7 -47.15 -22.52 20.12
C SER F 7 -46.13 -23.30 19.29
N GLN F 8 -46.37 -23.39 17.98
CA GLN F 8 -45.39 -23.98 17.08
C GLN F 8 -44.21 -23.03 16.93
N PHE F 9 -44.47 -21.74 17.12
CA PHE F 9 -43.42 -20.72 17.08
C PHE F 9 -42.57 -20.78 18.33
N GLN F 10 -43.21 -20.80 19.49
CA GLN F 10 -42.51 -20.89 20.77
C GLN F 10 -41.67 -22.17 20.87
N GLU F 11 -42.10 -23.21 20.16
CA GLU F 11 -41.35 -24.46 20.09
C GLU F 11 -40.15 -24.31 19.15
N ALA F 12 -40.37 -23.60 18.05
CA ALA F 12 -39.32 -23.42 17.05
C ALA F 12 -38.18 -22.57 17.56
N ILE F 13 -38.50 -21.48 18.26
CA ILE F 13 -37.50 -20.56 18.75
C ILE F 13 -36.85 -21.06 20.05
N GLN F 14 -37.40 -22.14 20.60
CA GLN F 14 -36.88 -22.72 21.82
C GLN F 14 -35.43 -23.20 21.62
N GLY F 15 -34.53 -22.71 22.44
CA GLY F 15 -33.12 -23.08 22.36
C GLY F 15 -32.47 -22.67 21.05
N LEU F 16 -33.02 -21.63 20.43
CA LEU F 16 -32.51 -21.14 19.16
C LEU F 16 -31.77 -19.82 19.35
N GLU F 17 -30.47 -19.84 19.06
CA GLU F 17 -29.62 -18.67 19.23
C GLU F 17 -29.87 -17.62 18.17
N VAL F 18 -30.95 -16.85 18.34
CA VAL F 18 -31.22 -15.70 17.47
C VAL F 18 -31.63 -14.51 18.31
N GLY F 19 -31.30 -13.32 17.85
CA GLY F 19 -31.60 -12.10 18.57
C GLY F 19 -33.09 -11.82 18.68
N GLN F 20 -33.44 -10.68 19.27
CA GLN F 20 -34.83 -10.33 19.49
C GLN F 20 -35.52 -9.87 18.20
N GLN F 21 -34.78 -9.17 17.34
CA GLN F 21 -35.34 -8.65 16.10
C GLN F 21 -35.77 -9.75 15.14
N THR F 22 -34.95 -10.80 15.05
CA THR F 22 -35.28 -11.95 14.22
C THR F 22 -36.58 -12.62 14.71
N ILE F 23 -36.76 -12.65 16.02
CA ILE F 23 -37.95 -13.20 16.63
C ILE F 23 -39.20 -12.39 16.27
N GLU F 24 -39.12 -11.07 16.43
CA GLU F 24 -40.25 -10.19 16.14
C GLU F 24 -40.64 -10.30 14.66
N ILE F 25 -39.64 -10.36 13.78
CA ILE F 25 -39.86 -10.51 12.35
C ILE F 25 -40.49 -11.87 12.04
N ALA F 26 -39.94 -12.92 12.63
CA ALA F 26 -40.42 -14.27 12.38
C ALA F 26 -41.84 -14.48 12.90
N ARG F 27 -42.13 -13.91 14.07
CA ARG F 27 -43.48 -13.97 14.62
C ARG F 27 -44.43 -13.15 13.76
N GLY F 28 -43.94 -12.02 13.27
CA GLY F 28 -44.75 -11.14 12.43
C GLY F 28 -45.17 -11.79 11.13
N VAL F 29 -44.26 -12.58 10.54
CA VAL F 29 -44.50 -13.17 9.23
C VAL F 29 -45.12 -14.57 9.31
N LEU F 30 -44.50 -15.44 10.11
CA LEU F 30 -44.91 -16.84 10.20
C LEU F 30 -46.19 -17.05 11.01
N VAL F 31 -46.44 -16.15 11.96
CA VAL F 31 -47.59 -16.31 12.83
C VAL F 31 -48.68 -15.28 12.52
N ASP F 32 -48.31 -14.00 12.52
CA ASP F 32 -49.29 -12.93 12.31
C ASP F 32 -49.61 -12.69 10.84
N GLY F 33 -48.87 -13.33 9.95
CA GLY F 33 -49.14 -13.26 8.54
C GLY F 33 -48.75 -11.97 7.86
N LYS F 34 -48.24 -11.01 8.64
CA LYS F 34 -47.74 -9.75 8.10
C LYS F 34 -46.65 -10.03 7.07
N PRO F 35 -46.71 -9.33 5.92
CA PRO F 35 -45.75 -9.53 4.82
C PRO F 35 -44.32 -9.23 5.25
N GLN F 36 -43.35 -9.87 4.60
CA GLN F 36 -41.96 -9.62 4.90
C GLN F 36 -41.56 -8.19 4.54
N ALA F 37 -42.21 -7.65 3.51
CA ALA F 37 -41.87 -6.33 2.99
C ALA F 37 -42.10 -5.19 3.98
N THR F 38 -43.09 -5.36 4.85
CA THR F 38 -43.42 -4.30 5.81
C THR F 38 -42.33 -4.17 6.87
N PHE F 39 -41.66 -5.26 7.15
CA PHE F 39 -40.56 -5.26 8.13
C PHE F 39 -39.29 -4.69 7.53
N ALA F 40 -39.11 -4.90 6.23
CA ALA F 40 -37.98 -4.31 5.52
C ALA F 40 -38.11 -2.80 5.51
N THR F 41 -39.34 -2.33 5.37
CA THR F 41 -39.64 -0.90 5.38
C THR F 41 -39.45 -0.31 6.77
N SER F 42 -40.09 -0.93 7.76
CA SER F 42 -40.10 -0.40 9.12
C SER F 42 -38.74 -0.46 9.79
N LEU F 43 -38.01 -1.54 9.56
CA LEU F 43 -36.73 -1.74 10.23
C LEU F 43 -35.56 -1.19 9.40
N GLY F 44 -35.83 -0.89 8.14
CA GLY F 44 -34.80 -0.32 7.27
C GLY F 44 -33.77 -1.35 6.83
N LEU F 45 -34.20 -2.59 6.68
CA LEU F 45 -33.33 -3.64 6.18
C LEU F 45 -33.70 -3.97 4.74
N THR F 46 -32.83 -4.71 4.06
CA THR F 46 -33.15 -5.21 2.73
C THR F 46 -34.05 -6.42 2.88
N ARG F 47 -34.68 -6.84 1.79
CA ARG F 47 -35.58 -7.99 1.79
CA ARG F 47 -35.59 -7.98 1.87
C ARG F 47 -34.83 -9.30 1.96
N GLY F 48 -33.54 -9.27 1.67
CA GLY F 48 -32.70 -10.44 1.83
C GLY F 48 -32.56 -10.74 3.31
N ALA F 49 -32.28 -9.71 4.10
CA ALA F 49 -32.13 -9.84 5.54
C ALA F 49 -33.41 -10.36 6.19
N VAL F 50 -34.55 -9.78 5.79
CA VAL F 50 -35.83 -10.19 6.32
C VAL F 50 -36.14 -11.64 5.96
N SER F 51 -35.84 -12.00 4.72
CA SER F 51 -36.08 -13.37 4.25
C SER F 51 -35.21 -14.38 4.99
N GLN F 52 -33.98 -13.98 5.33
CA GLN F 52 -33.10 -14.85 6.09
C GLN F 52 -33.58 -15.02 7.53
N ALA F 53 -34.04 -13.92 8.13
CA ALA F 53 -34.56 -13.93 9.50
C ALA F 53 -35.71 -14.92 9.64
N VAL F 54 -36.65 -14.85 8.70
CA VAL F 54 -37.79 -15.75 8.70
C VAL F 54 -37.33 -17.19 8.46
N HIS F 55 -36.37 -17.35 7.57
CA HIS F 55 -35.84 -18.67 7.23
C HIS F 55 -35.19 -19.38 8.43
N ARG F 56 -34.41 -18.63 9.20
CA ARG F 56 -33.69 -19.19 10.34
C ARG F 56 -34.61 -19.81 11.39
N VAL F 57 -35.82 -19.27 11.49
CA VAL F 57 -36.79 -19.75 12.47
C VAL F 57 -37.66 -20.87 11.92
N TRP F 58 -38.07 -20.74 10.66
CA TRP F 58 -38.83 -21.80 10.00
C TRP F 58 -38.01 -23.08 9.92
N ALA F 59 -36.74 -22.95 9.56
CA ALA F 59 -35.83 -24.09 9.49
C ALA F 59 -35.67 -24.74 10.87
N ALA F 60 -35.70 -23.92 11.91
CA ALA F 60 -35.61 -24.42 13.27
C ALA F 60 -36.88 -25.20 13.66
N PHE F 61 -37.95 -24.97 12.91
CA PHE F 61 -39.19 -25.71 13.12
C PHE F 61 -39.13 -27.03 12.36
N GLU F 62 -38.58 -27.00 11.16
CA GLU F 62 -38.44 -28.20 10.35
C GLU F 62 -37.51 -29.19 11.02
N ASP F 63 -36.52 -28.66 11.73
CA ASP F 63 -35.55 -29.49 12.45
C ASP F 63 -36.17 -30.22 13.64
N LYS F 64 -37.45 -29.97 13.89
CA LYS F 64 -38.16 -30.60 14.99
C LYS F 64 -39.46 -31.25 14.52
N ARG I 3 -10.30 10.88 11.54
CA ARG I 3 -9.75 9.57 11.20
C ARG I 3 -8.36 9.68 10.59
N LEU I 4 -7.47 8.80 10.99
CA LEU I 4 -6.10 8.77 10.47
C LEU I 4 -5.87 7.51 9.64
N THR I 5 -4.67 7.36 9.12
CA THR I 5 -4.27 6.14 8.45
C THR I 5 -3.46 5.28 9.40
N GLU I 6 -2.83 4.23 8.89
CA GLU I 6 -1.93 3.41 9.70
C GLU I 6 -0.58 4.09 9.84
N SER I 7 -0.15 4.75 8.78
CA SER I 7 1.12 5.49 8.78
C SER I 7 1.03 6.70 9.69
N GLN I 8 -0.05 7.47 9.55
CA GLN I 8 -0.29 8.64 10.39
C GLN I 8 -0.45 8.25 11.86
N PHE I 9 -0.94 7.02 12.07
CA PHE I 9 -1.17 6.51 13.42
C PHE I 9 0.14 6.20 14.14
N GLN I 10 1.02 5.43 13.49
CA GLN I 10 2.25 4.98 14.13
C GLN I 10 3.23 6.10 14.44
N GLU I 11 3.26 7.13 13.60
CA GLU I 11 4.14 8.28 13.87
C GLU I 11 3.59 9.07 15.05
N ALA I 12 2.27 9.07 15.19
CA ALA I 12 1.60 9.82 16.25
C ALA I 12 1.75 9.13 17.61
N ILE I 13 1.67 7.80 17.62
CA ILE I 13 1.71 7.04 18.86
C ILE I 13 3.13 6.70 19.30
N GLN I 14 4.11 7.02 18.46
CA GLN I 14 5.50 6.70 18.75
C GLN I 14 6.06 7.53 19.91
N GLY I 15 6.52 6.85 20.94
CA GLY I 15 7.09 7.51 22.11
C GLY I 15 6.04 8.07 23.06
N LEU I 16 4.79 8.08 22.60
CA LEU I 16 3.68 8.61 23.39
C LEU I 16 3.44 7.78 24.64
N GLU I 17 3.72 8.37 25.80
CA GLU I 17 3.60 7.68 27.08
C GLU I 17 2.15 7.29 27.40
N VAL I 18 1.61 6.34 26.65
CA VAL I 18 0.26 5.84 26.90
C VAL I 18 0.26 4.31 26.98
N GLY I 19 -0.68 3.77 27.76
CA GLY I 19 -0.78 2.34 27.95
C GLY I 19 -1.21 1.58 26.71
N GLN I 20 -1.27 0.26 26.83
CA GLN I 20 -1.62 -0.58 25.69
C GLN I 20 -3.10 -0.46 25.33
N GLN I 21 -3.90 -0.04 26.30
CA GLN I 21 -5.34 0.06 26.10
C GLN I 21 -5.72 1.23 25.20
N THR I 22 -5.17 2.41 25.50
CA THR I 22 -5.45 3.62 24.74
C THR I 22 -5.14 3.46 23.25
N ILE I 23 -4.01 2.84 22.95
CA ILE I 23 -3.60 2.60 21.57
C ILE I 23 -4.61 1.72 20.83
N GLU I 24 -5.08 0.66 21.50
CA GLU I 24 -6.10 -0.21 20.92
C GLU I 24 -7.40 0.55 20.69
N ILE I 25 -7.74 1.43 21.63
CA ILE I 25 -8.92 2.28 21.50
C ILE I 25 -8.72 3.27 20.35
N ALA I 26 -7.52 3.81 20.24
CA ALA I 26 -7.20 4.80 19.23
C ALA I 26 -7.25 4.22 17.82
N ARG I 27 -6.62 3.07 17.62
CA ARG I 27 -6.58 2.42 16.32
C ARG I 27 -7.97 2.04 15.83
N GLY I 28 -8.79 1.54 16.75
CA GLY I 28 -10.12 1.09 16.41
C GLY I 28 -11.01 2.20 15.88
N VAL I 29 -10.91 3.38 16.47
CA VAL I 29 -11.77 4.50 16.12
C VAL I 29 -11.17 5.37 15.01
N LEU I 30 -9.88 5.65 15.12
CA LEU I 30 -9.20 6.51 14.15
C LEU I 30 -8.86 5.77 12.86
N VAL I 31 -8.10 4.70 12.98
CA VAL I 31 -7.71 3.91 11.81
C VAL I 31 -8.88 3.05 11.32
N ASP I 32 -9.34 2.14 12.18
CA ASP I 32 -10.36 1.17 11.80
C ASP I 32 -11.77 1.76 11.69
N GLY I 33 -11.97 2.94 12.25
CA GLY I 33 -13.23 3.64 12.13
C GLY I 33 -14.38 3.09 12.96
N LYS I 34 -14.06 2.35 14.02
CA LYS I 34 -15.08 1.77 14.89
C LYS I 34 -15.69 2.80 15.82
N PRO I 35 -16.98 2.63 16.16
CA PRO I 35 -17.67 3.53 17.10
C PRO I 35 -17.02 3.51 18.47
N GLN I 36 -16.97 4.67 19.13
CA GLN I 36 -16.34 4.77 20.44
C GLN I 36 -17.14 4.04 21.52
N ALA I 37 -18.46 3.99 21.34
CA ALA I 37 -19.34 3.33 22.30
C ALA I 37 -19.06 1.83 22.38
N THR I 38 -18.63 1.24 21.27
CA THR I 38 -18.35 -0.18 21.21
C THR I 38 -17.14 -0.54 22.07
N PHE I 39 -16.23 0.41 22.24
CA PHE I 39 -15.07 0.20 23.10
C PHE I 39 -15.43 0.46 24.55
N ALA I 40 -16.42 1.32 24.76
CA ALA I 40 -16.91 1.61 26.11
C ALA I 40 -17.63 0.39 26.67
N THR I 41 -18.40 -0.28 25.83
CA THR I 41 -19.14 -1.47 26.23
C THR I 41 -18.20 -2.63 26.54
N SER I 42 -17.27 -2.88 25.62
CA SER I 42 -16.41 -4.06 25.70
C SER I 42 -15.31 -3.93 26.75
N LEU I 43 -14.98 -2.69 27.13
CA LEU I 43 -13.93 -2.47 28.12
C LEU I 43 -14.49 -1.99 29.47
N GLY I 44 -15.81 -2.07 29.63
CA GLY I 44 -16.46 -1.67 30.86
C GLY I 44 -16.11 -0.25 31.26
N LEU I 45 -15.96 0.62 30.27
CA LEU I 45 -15.57 2.00 30.51
C LEU I 45 -16.71 2.95 30.17
N THR I 46 -16.73 4.10 30.83
CA THR I 46 -17.67 5.16 30.48
C THR I 46 -17.27 5.73 29.12
N ARG I 47 -18.25 6.29 28.41
CA ARG I 47 -17.99 6.88 27.10
C ARG I 47 -17.02 8.05 27.18
N GLY I 48 -16.89 8.64 28.36
CA GLY I 48 -15.97 9.73 28.58
C GLY I 48 -14.51 9.29 28.57
N ALA I 49 -14.23 8.12 29.14
CA ALA I 49 -12.88 7.58 29.19
C ALA I 49 -12.35 7.26 27.80
N VAL I 50 -13.21 6.67 26.98
CA VAL I 50 -12.86 6.36 25.59
C VAL I 50 -12.56 7.65 24.84
N SER I 51 -13.41 8.65 25.04
CA SER I 51 -13.24 9.95 24.40
C SER I 51 -11.90 10.58 24.75
N GLN I 52 -11.57 10.58 26.05
CA GLN I 52 -10.29 11.09 26.52
C GLN I 52 -9.13 10.34 25.86
N ALA I 53 -9.28 9.02 25.78
CA ALA I 53 -8.24 8.16 25.24
C ALA I 53 -7.99 8.43 23.75
N VAL I 54 -9.07 8.70 23.02
CA VAL I 54 -8.95 8.98 21.60
C VAL I 54 -8.35 10.37 21.37
N HIS I 55 -8.64 11.29 22.28
CA HIS I 55 -8.12 12.65 22.19
C HIS I 55 -6.61 12.70 22.40
N ARG I 56 -6.10 11.91 23.34
CA ARG I 56 -4.67 11.90 23.65
C ARG I 56 -3.83 11.49 22.45
N VAL I 57 -4.43 10.70 21.56
CA VAL I 57 -3.75 10.24 20.35
C VAL I 57 -4.00 11.21 19.20
N TRP I 58 -5.23 11.70 19.09
CA TRP I 58 -5.58 12.68 18.07
C TRP I 58 -4.84 13.99 18.30
N ALA I 59 -4.43 14.23 19.54
CA ALA I 59 -3.65 15.42 19.88
C ALA I 59 -2.20 15.28 19.42
N ALA I 60 -1.62 14.12 19.67
CA ALA I 60 -0.23 13.86 19.30
C ALA I 60 -0.03 13.93 17.80
N PHE I 61 -1.04 13.50 17.04
CA PHE I 61 -1.00 13.58 15.59
C PHE I 61 -1.05 15.03 15.13
N GLU I 62 -1.84 15.84 15.83
CA GLU I 62 -1.97 17.26 15.50
C GLU I 62 -0.80 18.07 16.04
N ASP I 63 0.30 17.38 16.37
CA ASP I 63 1.52 18.02 16.84
C ASP I 63 2.67 17.69 15.89
N LYS I 64 2.45 16.73 15.01
CA LYS I 64 3.48 16.26 14.09
C LYS I 64 2.95 16.15 12.66
N LYS J 2 2.58 31.69 44.86
CA LYS J 2 1.35 32.06 44.18
C LYS J 2 0.28 32.53 45.17
N ARG J 3 -0.07 33.80 45.10
CA ARG J 3 -1.12 34.35 45.98
C ARG J 3 -2.11 35.23 45.22
N LEU J 4 -3.32 35.31 45.75
CA LEU J 4 -4.36 36.18 45.20
C LEU J 4 -4.99 36.99 46.33
N THR J 5 -5.29 38.26 46.05
CA THR J 5 -6.00 39.09 47.01
C THR J 5 -7.44 38.60 47.10
N GLU J 6 -8.15 39.05 48.12
CA GLU J 6 -9.53 38.65 48.36
C GLU J 6 -10.45 38.87 47.15
N SER J 7 -10.32 40.03 46.52
CA SER J 7 -11.16 40.36 45.37
C SER J 7 -10.64 39.71 44.08
N GLN J 8 -9.35 39.38 44.06
CA GLN J 8 -8.78 38.62 42.94
C GLN J 8 -9.32 37.20 42.96
N PHE J 9 -9.35 36.62 44.15
CA PHE J 9 -9.89 35.28 44.35
C PHE J 9 -11.39 35.26 44.04
N GLN J 10 -12.08 36.31 44.47
CA GLN J 10 -13.52 36.43 44.25
C GLN J 10 -13.83 36.45 42.75
N GLU J 11 -12.97 37.12 42.00
CA GLU J 11 -13.10 37.18 40.54
C GLU J 11 -12.75 35.83 39.92
N ALA J 12 -11.74 35.16 40.47
CA ALA J 12 -11.26 33.89 39.94
C ALA J 12 -12.32 32.80 39.97
N ILE J 13 -13.03 32.70 41.09
CA ILE J 13 -14.03 31.65 41.27
C ILE J 13 -15.39 32.05 40.71
N GLN J 14 -15.47 33.26 40.16
CA GLN J 14 -16.73 33.75 39.60
C GLN J 14 -17.16 32.95 38.38
N GLY J 15 -18.25 32.21 38.52
CA GLY J 15 -18.76 31.40 37.42
C GLY J 15 -18.06 30.06 37.31
N LEU J 16 -16.88 29.97 37.91
CA LEU J 16 -16.08 28.75 37.90
C LEU J 16 -16.85 27.58 38.50
N GLU J 17 -17.18 26.60 37.67
CA GLU J 17 -18.00 25.46 38.09
C GLU J 17 -17.27 24.49 39.01
N VAL J 18 -16.69 25.01 40.08
CA VAL J 18 -16.01 24.17 41.06
C VAL J 18 -16.89 23.99 42.29
N GLY J 19 -16.59 22.96 43.08
CA GLY J 19 -17.32 22.69 44.30
C GLY J 19 -16.97 23.67 45.40
N GLN J 20 -17.51 23.46 46.60
CA GLN J 20 -17.26 24.36 47.72
C GLN J 20 -15.94 24.00 48.41
N GLN J 21 -15.59 22.72 48.40
CA GLN J 21 -14.36 22.25 49.02
C GLN J 21 -13.13 22.83 48.32
N THR J 22 -13.14 22.81 47.00
CA THR J 22 -12.04 23.34 46.20
C THR J 22 -11.85 24.84 46.46
N ILE J 23 -12.95 25.52 46.77
CA ILE J 23 -12.89 26.93 47.12
C ILE J 23 -12.14 27.16 48.43
N GLU J 24 -12.49 26.38 49.45
CA GLU J 24 -11.87 26.53 50.77
C GLU J 24 -10.39 26.13 50.75
N ILE J 25 -10.04 25.16 49.90
CA ILE J 25 -8.65 24.77 49.73
C ILE J 25 -7.87 25.88 49.03
N ALA J 26 -8.46 26.44 47.98
CA ALA J 26 -7.83 27.48 47.19
C ALA J 26 -7.60 28.76 48.01
N ARG J 27 -8.61 29.16 48.78
CA ARG J 27 -8.50 30.34 49.61
C ARG J 27 -7.43 30.20 50.69
N GLY J 28 -7.38 29.03 51.31
CA GLY J 28 -6.38 28.76 52.33
C GLY J 28 -4.97 28.82 51.79
N VAL J 29 -4.79 28.44 50.54
CA VAL J 29 -3.47 28.41 49.93
C VAL J 29 -3.13 29.71 49.21
N LEU J 30 -4.07 30.22 48.43
CA LEU J 30 -3.83 31.42 47.62
C LEU J 30 -4.01 32.72 48.41
N VAL J 31 -5.08 32.82 49.19
CA VAL J 31 -5.33 34.02 49.98
C VAL J 31 -4.66 33.97 51.35
N ASP J 32 -4.86 32.88 52.08
CA ASP J 32 -4.34 32.74 53.43
C ASP J 32 -2.90 32.25 53.46
N GLY J 33 -2.40 31.79 52.32
CA GLY J 33 -1.01 31.37 52.19
C GLY J 33 -0.63 30.11 52.95
N LYS J 34 -1.61 29.41 53.50
CA LYS J 34 -1.36 28.18 54.25
C LYS J 34 -0.73 27.13 53.35
N PRO J 35 0.05 26.20 53.95
CA PRO J 35 0.62 25.08 53.19
C PRO J 35 -0.48 24.17 52.64
N GLN J 36 -0.23 23.53 51.51
CA GLN J 36 -1.22 22.65 50.90
C GLN J 36 -1.42 21.36 51.68
N ALA J 37 -0.34 20.86 52.29
CA ALA J 37 -0.39 19.61 53.04
C ALA J 37 -1.32 19.67 54.24
N THR J 38 -1.63 20.88 54.69
CA THR J 38 -2.52 21.08 55.82
C THR J 38 -3.99 20.90 55.42
N PHE J 39 -4.22 20.66 54.13
CA PHE J 39 -5.57 20.39 53.63
C PHE J 39 -5.73 18.92 53.26
N ALA J 40 -4.66 18.33 52.73
CA ALA J 40 -4.65 16.91 52.42
C ALA J 40 -4.79 16.11 53.71
N THR J 41 -4.15 16.60 54.76
CA THR J 41 -4.19 15.97 56.07
C THR J 41 -5.60 15.94 56.65
N SER J 42 -6.28 17.08 56.61
CA SER J 42 -7.58 17.22 57.25
C SER J 42 -8.71 16.60 56.44
N LEU J 43 -8.58 16.63 55.12
CA LEU J 43 -9.64 16.14 54.23
C LEU J 43 -9.42 14.69 53.79
N GLY J 44 -8.20 14.21 53.95
CA GLY J 44 -7.86 12.87 53.52
C GLY J 44 -7.72 12.83 52.00
N LEU J 45 -6.72 13.54 51.50
CA LEU J 45 -6.49 13.63 50.06
C LEU J 45 -5.03 13.39 49.72
N THR J 46 -4.77 12.95 48.49
CA THR J 46 -3.41 12.89 47.99
C THR J 46 -2.94 14.31 47.71
N ARG J 47 -1.63 14.52 47.68
CA ARG J 47 -1.08 15.85 47.46
C ARG J 47 -1.41 16.39 46.06
N GLY J 48 -1.68 15.48 45.13
CA GLY J 48 -2.06 15.86 43.79
C GLY J 48 -3.45 16.44 43.72
N ALA J 49 -4.36 15.90 44.52
CA ALA J 49 -5.74 16.39 44.56
C ALA J 49 -5.79 17.85 45.00
N VAL J 50 -4.95 18.20 45.98
CA VAL J 50 -4.90 19.56 46.50
C VAL J 50 -4.21 20.47 45.49
N SER J 51 -3.13 19.97 44.90
CA SER J 51 -2.36 20.73 43.92
C SER J 51 -3.20 21.09 42.70
N GLN J 52 -3.96 20.12 42.20
CA GLN J 52 -4.84 20.34 41.05
C GLN J 52 -6.01 21.25 41.40
N ALA J 53 -6.33 21.34 42.68
CA ALA J 53 -7.44 22.19 43.13
C ALA J 53 -7.01 23.65 43.20
N VAL J 54 -5.78 23.88 43.67
CA VAL J 54 -5.23 25.23 43.78
C VAL J 54 -4.96 25.81 42.39
N HIS J 55 -4.55 24.95 41.47
CA HIS J 55 -4.19 25.39 40.12
C HIS J 55 -5.42 25.61 39.25
N ARG J 56 -6.51 24.93 39.58
CA ARG J 56 -7.75 25.06 38.81
C ARG J 56 -8.36 26.44 38.99
N VAL J 57 -8.18 27.00 40.18
CA VAL J 57 -8.67 28.34 40.48
C VAL J 57 -7.66 29.39 40.01
N TRP J 58 -6.38 29.07 40.20
CA TRP J 58 -5.30 29.96 39.78
C TRP J 58 -5.29 30.19 38.27
N ALA J 59 -5.56 29.14 37.52
CA ALA J 59 -5.59 29.23 36.06
C ALA J 59 -6.82 30.00 35.57
N ALA J 60 -7.91 29.90 36.34
CA ALA J 60 -9.13 30.62 36.01
C ALA J 60 -8.91 32.11 36.14
N PHE J 61 -8.05 32.51 37.07
CA PHE J 61 -7.69 33.91 37.25
C PHE J 61 -6.72 34.36 36.15
N GLU J 62 -5.78 33.50 35.81
CA GLU J 62 -4.81 33.79 34.75
C GLU J 62 -5.48 33.95 33.40
N ASP J 63 -6.69 33.39 33.27
CA ASP J 63 -7.49 33.56 32.07
C ASP J 63 -8.29 34.87 32.11
N LYS J 64 -7.92 35.75 33.03
CA LYS J 64 -8.61 37.02 33.20
C LYS J 64 -7.63 38.17 33.37
N LYS M 1 16.04 9.74 -9.55
CA LYS M 1 15.12 8.60 -9.42
C LYS M 1 14.17 8.53 -10.60
N LYS M 2 13.42 7.44 -10.68
CA LYS M 2 12.46 7.20 -11.77
C LYS M 2 13.09 7.29 -13.17
N ARG M 3 13.50 6.14 -13.69
CA ARG M 3 14.08 6.09 -15.03
C ARG M 3 13.30 5.13 -15.94
N LEU M 4 13.48 5.29 -17.24
CA LEU M 4 12.83 4.43 -18.22
C LEU M 4 13.84 3.87 -19.21
N THR M 5 13.48 2.77 -19.86
CA THR M 5 14.30 2.21 -20.92
C THR M 5 14.02 2.96 -22.22
N GLU M 6 14.87 2.76 -23.21
CA GLU M 6 14.68 3.39 -24.52
C GLU M 6 13.47 2.75 -25.21
N SER M 7 13.15 1.52 -24.80
CA SER M 7 12.01 0.80 -25.34
C SER M 7 10.70 1.40 -24.81
N GLN M 8 10.63 1.58 -23.50
CA GLN M 8 9.44 2.14 -22.86
C GLN M 8 9.28 3.63 -23.16
N PHE M 9 10.39 4.30 -23.43
CA PHE M 9 10.36 5.73 -23.71
C PHE M 9 9.79 6.04 -25.09
N GLN M 10 10.29 5.34 -26.11
CA GLN M 10 9.81 5.53 -27.47
C GLN M 10 8.33 5.16 -27.57
N GLU M 11 7.91 4.21 -26.74
CA GLU M 11 6.51 3.82 -26.67
C GLU M 11 5.69 4.90 -25.98
N ALA M 12 6.32 5.62 -25.06
CA ALA M 12 5.66 6.67 -24.29
C ALA M 12 5.39 7.91 -25.14
N ILE M 13 6.32 8.24 -26.02
CA ILE M 13 6.17 9.41 -26.89
C ILE M 13 5.51 9.05 -28.22
N GLN M 14 5.11 7.79 -28.36
CA GLN M 14 4.48 7.33 -29.58
C GLN M 14 2.99 7.62 -29.56
N GLY M 15 2.59 8.71 -30.22
CA GLY M 15 1.21 9.16 -30.23
C GLY M 15 1.02 10.29 -29.24
N LEU M 16 2.13 10.75 -28.66
CA LEU M 16 2.09 11.79 -27.65
C LEU M 16 2.26 13.18 -28.26
N GLU M 17 1.25 14.04 -28.05
CA GLU M 17 1.32 15.43 -28.44
C GLU M 17 2.20 16.18 -27.43
N VAL M 18 3.40 16.54 -27.85
CA VAL M 18 4.40 17.17 -27.00
C VAL M 18 5.54 17.76 -27.83
N GLY M 19 6.02 18.94 -27.44
CA GLY M 19 7.07 19.62 -28.16
C GLY M 19 8.41 18.90 -28.11
N GLN M 20 9.32 19.29 -28.98
CA GLN M 20 10.63 18.63 -29.08
C GLN M 20 11.49 18.89 -27.85
N GLN M 21 11.35 20.06 -27.26
CA GLN M 21 12.13 20.42 -26.06
C GLN M 21 11.80 19.49 -24.91
N THR M 22 10.52 19.18 -24.74
CA THR M 22 10.05 18.31 -23.66
C THR M 22 10.58 16.89 -23.84
N ILE M 23 10.67 16.44 -25.08
CA ILE M 23 11.20 15.11 -25.39
C ILE M 23 12.69 15.04 -25.07
N GLU M 24 13.40 16.13 -25.34
CA GLU M 24 14.82 16.23 -24.99
C GLU M 24 15.03 16.07 -23.49
N ILE M 25 14.38 16.92 -22.71
CA ILE M 25 14.48 16.91 -21.25
C ILE M 25 14.15 15.54 -20.66
N ALA M 26 13.06 14.95 -21.14
CA ALA M 26 12.60 13.67 -20.63
C ALA M 26 13.59 12.54 -20.90
N ARG M 27 13.97 12.37 -22.16
CA ARG M 27 14.93 11.35 -22.55
C ARG M 27 16.24 11.51 -21.78
N GLY M 28 16.68 12.77 -21.63
CA GLY M 28 17.87 13.06 -20.86
C GLY M 28 17.73 12.65 -19.41
N VAL M 29 16.55 12.88 -18.84
CA VAL M 29 16.30 12.56 -17.44
C VAL M 29 15.86 11.11 -17.23
N LEU M 30 14.83 10.70 -17.96
CA LEU M 30 14.22 9.38 -17.75
C LEU M 30 15.03 8.21 -18.33
N VAL M 31 15.91 8.49 -19.28
CA VAL M 31 16.70 7.44 -19.89
C VAL M 31 18.19 7.62 -19.60
N ASP M 32 18.72 8.80 -19.87
CA ASP M 32 20.14 9.08 -19.66
C ASP M 32 20.45 9.44 -18.21
N GLY M 33 19.46 9.25 -17.34
CA GLY M 33 19.62 9.45 -15.90
C GLY M 33 20.22 10.77 -15.44
N LYS M 34 20.07 11.81 -16.26
CA LYS M 34 20.64 13.11 -15.97
C LYS M 34 19.85 13.89 -14.93
N PRO M 35 20.50 14.82 -14.21
CA PRO M 35 19.84 15.66 -13.21
C PRO M 35 18.87 16.66 -13.85
N GLN M 36 17.77 16.96 -13.16
CA GLN M 36 16.80 17.94 -13.63
C GLN M 36 17.37 19.35 -13.65
N ALA M 37 18.11 19.69 -12.60
CA ALA M 37 18.63 21.05 -12.43
C ALA M 37 19.63 21.41 -13.51
N THR M 38 20.16 20.40 -14.20
CA THR M 38 21.12 20.64 -15.27
C THR M 38 20.42 21.12 -16.54
N PHE M 39 19.31 20.47 -16.89
CA PHE M 39 18.47 20.93 -18.01
C PHE M 39 17.83 22.26 -17.66
N ALA M 40 17.55 22.47 -16.38
CA ALA M 40 16.97 23.72 -15.92
C ALA M 40 17.95 24.87 -16.08
N THR M 41 19.24 24.56 -15.96
CA THR M 41 20.28 25.57 -16.04
C THR M 41 20.59 25.91 -17.49
N SER M 42 20.75 24.88 -18.31
CA SER M 42 21.12 25.06 -19.71
C SER M 42 20.05 25.77 -20.53
N LEU M 43 18.80 25.37 -20.36
CA LEU M 43 17.69 25.94 -21.13
C LEU M 43 17.26 27.31 -20.61
N GLY M 44 17.39 27.53 -19.31
CA GLY M 44 17.02 28.79 -18.71
C GLY M 44 15.58 28.81 -18.23
N LEU M 45 15.16 27.72 -17.61
CA LEU M 45 13.81 27.60 -17.08
C LEU M 45 13.85 27.52 -15.56
N THR M 46 12.69 27.23 -14.97
CA THR M 46 12.61 26.98 -13.53
C THR M 46 12.56 25.47 -13.32
N ARG M 47 12.65 25.05 -12.06
CA ARG M 47 12.64 23.62 -11.74
C ARG M 47 11.26 23.02 -11.88
N GLY M 48 10.23 23.89 -11.85
CA GLY M 48 8.86 23.46 -12.03
C GLY M 48 8.63 22.93 -13.42
N ALA M 49 9.03 23.70 -14.43
CA ALA M 49 8.85 23.33 -15.82
C ALA M 49 9.57 22.02 -16.15
N VAL M 50 10.82 21.91 -15.70
CA VAL M 50 11.60 20.72 -15.93
C VAL M 50 10.95 19.52 -15.26
N SER M 51 10.48 19.71 -14.04
CA SER M 51 9.78 18.65 -13.33
C SER M 51 8.45 18.31 -14.01
N GLN M 52 7.88 19.28 -14.72
CA GLN M 52 6.63 19.07 -15.44
C GLN M 52 6.87 18.40 -16.78
N ALA M 53 7.94 18.79 -17.46
CA ALA M 53 8.30 18.18 -18.73
C ALA M 53 8.62 16.70 -18.54
N VAL M 54 9.41 16.42 -17.51
CA VAL M 54 9.79 15.05 -17.16
C VAL M 54 8.56 14.24 -16.76
N HIS M 55 7.70 14.82 -15.91
CA HIS M 55 6.50 14.14 -15.45
C HIS M 55 5.49 13.91 -16.57
N ARG M 56 5.53 14.76 -17.59
CA ARG M 56 4.61 14.64 -18.71
CA ARG M 56 4.62 14.66 -18.72
C ARG M 56 4.81 13.33 -19.45
N VAL M 57 6.06 12.92 -19.61
CA VAL M 57 6.36 11.68 -20.30
C VAL M 57 6.17 10.46 -19.41
N TRP M 58 6.45 10.61 -18.12
CA TRP M 58 6.26 9.53 -17.15
C TRP M 58 4.82 9.04 -17.12
N ALA M 59 3.88 9.98 -17.00
CA ALA M 59 2.46 9.64 -16.96
C ALA M 59 2.00 9.07 -18.29
N ALA M 60 2.62 9.51 -19.38
CA ALA M 60 2.30 9.02 -20.71
C ALA M 60 2.59 7.53 -20.82
N PHE M 61 3.66 7.10 -20.15
CA PHE M 61 4.05 5.69 -20.14
C PHE M 61 3.17 4.88 -19.19
N GLU M 62 2.86 5.44 -18.04
CA GLU M 62 2.07 4.74 -17.02
C GLU M 62 0.67 4.40 -17.50
N ASP M 63 0.14 5.22 -18.41
CA ASP M 63 -1.17 4.97 -18.98
C ASP M 63 -1.09 3.92 -20.08
N LYS N 1 -25.04 28.75 -21.47
CA LYS N 1 -25.79 29.13 -20.28
C LYS N 1 -24.96 28.98 -19.01
N LYS N 2 -25.35 28.04 -18.16
CA LYS N 2 -24.66 27.76 -16.89
C LYS N 2 -24.76 28.90 -15.87
N ARG N 3 -25.57 28.69 -14.83
CA ARG N 3 -25.77 29.66 -13.77
C ARG N 3 -25.79 28.99 -12.42
N LEU N 4 -25.45 29.76 -11.39
CA LEU N 4 -25.58 29.30 -10.01
C LEU N 4 -26.30 30.36 -9.20
N THR N 5 -27.12 29.93 -8.26
CA THR N 5 -27.75 30.86 -7.32
C THR N 5 -26.71 31.30 -6.31
N GLU N 6 -27.16 31.88 -5.20
CA GLU N 6 -26.22 32.26 -4.14
C GLU N 6 -25.89 31.03 -3.29
N SER N 7 -26.90 30.22 -3.01
CA SER N 7 -26.75 29.01 -2.23
C SER N 7 -25.79 28.03 -2.91
N GLN N 8 -25.98 27.82 -4.21
CA GLN N 8 -25.15 26.92 -4.98
C GLN N 8 -23.70 27.37 -5.02
N PHE N 9 -23.50 28.68 -5.12
CA PHE N 9 -22.16 29.25 -5.21
C PHE N 9 -21.38 29.07 -3.91
N GLN N 10 -22.07 29.20 -2.79
CA GLN N 10 -21.44 29.03 -1.48
C GLN N 10 -20.95 27.60 -1.27
N GLU N 11 -21.74 26.63 -1.72
CA GLU N 11 -21.35 25.23 -1.62
C GLU N 11 -20.20 24.94 -2.57
N ALA N 12 -20.22 25.62 -3.71
CA ALA N 12 -19.19 25.44 -4.72
C ALA N 12 -17.80 25.80 -4.20
N ILE N 13 -17.67 27.01 -3.67
CA ILE N 13 -16.38 27.48 -3.16
C ILE N 13 -16.10 27.01 -1.74
N GLN N 14 -16.97 26.17 -1.20
CA GLN N 14 -16.77 25.62 0.13
C GLN N 14 -15.73 24.51 0.11
N GLY N 15 -14.54 24.82 0.58
CA GLY N 15 -13.44 23.86 0.59
C GLY N 15 -12.64 23.91 -0.69
N LEU N 16 -12.97 24.86 -1.57
CA LEU N 16 -12.25 25.05 -2.81
C LEU N 16 -11.06 25.98 -2.61
N GLU N 17 -9.86 25.42 -2.74
CA GLU N 17 -8.64 26.22 -2.61
C GLU N 17 -8.42 27.06 -3.86
N VAL N 18 -8.65 28.36 -3.72
CA VAL N 18 -8.59 29.26 -4.85
C VAL N 18 -8.47 30.71 -4.38
N GLY N 19 -7.95 31.59 -5.23
CA GLY N 19 -7.77 32.98 -4.88
C GLY N 19 -9.08 33.74 -4.75
N GLN N 20 -8.99 35.02 -4.40
CA GLN N 20 -10.19 35.83 -4.23
C GLN N 20 -10.66 36.40 -5.56
N GLN N 21 -9.71 36.66 -6.45
CA GLN N 21 -10.03 37.13 -7.79
C GLN N 21 -10.88 36.11 -8.54
N THR N 22 -10.46 34.84 -8.46
CA THR N 22 -11.16 33.75 -9.12
C THR N 22 -12.61 33.63 -8.65
N ILE N 23 -12.82 33.73 -7.34
CA ILE N 23 -14.17 33.70 -6.78
C ILE N 23 -14.99 34.88 -7.28
N GLU N 24 -14.35 36.03 -7.44
CA GLU N 24 -15.01 37.22 -7.94
C GLU N 24 -15.38 37.06 -9.42
N ILE N 25 -14.45 36.54 -10.20
CA ILE N 25 -14.70 36.24 -11.60
C ILE N 25 -15.82 35.22 -11.69
N ALA N 26 -15.80 34.26 -10.77
CA ALA N 26 -16.76 33.17 -10.76
C ALA N 26 -18.19 33.62 -10.48
N ARG N 27 -18.38 34.43 -9.44
CA ARG N 27 -19.73 34.86 -9.08
C ARG N 27 -20.28 35.89 -10.06
N GLY N 28 -19.39 36.68 -10.65
CA GLY N 28 -19.81 37.67 -11.62
C GLY N 28 -20.36 37.01 -12.87
N VAL N 29 -19.86 35.81 -13.16
CA VAL N 29 -20.26 35.09 -14.36
C VAL N 29 -21.36 34.07 -14.06
N LEU N 30 -21.25 33.39 -12.92
CA LEU N 30 -22.18 32.32 -12.58
C LEU N 30 -23.40 32.80 -11.80
N VAL N 31 -23.20 33.73 -10.87
CA VAL N 31 -24.29 34.21 -10.03
C VAL N 31 -24.90 35.50 -10.56
N ASP N 32 -24.05 36.42 -11.00
CA ASP N 32 -24.52 37.73 -11.46
C ASP N 32 -24.85 37.75 -12.95
N GLY N 33 -24.24 36.85 -13.71
CA GLY N 33 -24.58 36.67 -15.11
C GLY N 33 -23.77 37.46 -16.12
N LYS N 34 -22.75 38.18 -15.65
CA LYS N 34 -21.90 38.95 -16.54
C LYS N 34 -21.12 38.03 -17.48
N PRO N 35 -20.83 38.52 -18.71
CA PRO N 35 -20.04 37.73 -19.65
C PRO N 35 -18.62 37.50 -19.13
N GLN N 36 -17.98 36.45 -19.59
CA GLN N 36 -16.59 36.18 -19.22
C GLN N 36 -15.65 37.24 -19.76
N ALA N 37 -16.11 37.99 -20.75
CA ALA N 37 -15.27 38.96 -21.44
C ALA N 37 -15.02 40.22 -20.62
N THR N 38 -16.00 40.63 -19.82
CA THR N 38 -15.86 41.84 -19.02
C THR N 38 -14.73 41.70 -18.01
N PHE N 39 -14.53 40.50 -17.51
CA PHE N 39 -13.46 40.26 -16.55
C PHE N 39 -12.09 40.15 -17.21
N ALA N 40 -12.07 39.66 -18.45
CA ALA N 40 -10.83 39.65 -19.23
C ALA N 40 -10.36 41.07 -19.49
N THR N 41 -11.32 41.98 -19.61
CA THR N 41 -11.03 43.39 -19.85
C THR N 41 -10.68 44.11 -18.54
N SER N 42 -11.48 43.87 -17.51
CA SER N 42 -11.32 44.55 -16.23
C SER N 42 -10.05 44.13 -15.51
N LEU N 43 -9.66 42.87 -15.69
CA LEU N 43 -8.52 42.32 -14.96
C LEU N 43 -7.31 42.12 -15.86
N GLY N 44 -7.45 42.51 -17.13
CA GLY N 44 -6.36 42.45 -18.09
C GLY N 44 -5.83 41.04 -18.30
N LEU N 45 -6.73 40.09 -18.48
CA LEU N 45 -6.34 38.71 -18.71
C LEU N 45 -6.88 38.20 -20.05
N THR N 46 -6.32 37.09 -20.52
CA THR N 46 -6.84 36.44 -21.70
C THR N 46 -8.14 35.72 -21.34
N ARG N 47 -8.94 35.40 -22.36
CA ARG N 47 -10.22 34.73 -22.11
C ARG N 47 -9.98 33.30 -21.62
N GLY N 48 -8.80 32.77 -21.90
CA GLY N 48 -8.42 31.45 -21.43
C GLY N 48 -8.33 31.42 -19.91
N ALA N 49 -7.72 32.44 -19.33
CA ALA N 49 -7.56 32.52 -17.89
C ALA N 49 -8.91 32.71 -17.20
N VAL N 50 -9.76 33.54 -17.79
CA VAL N 50 -11.08 33.80 -17.24
C VAL N 50 -11.94 32.55 -17.31
N SER N 51 -11.82 31.80 -18.41
CA SER N 51 -12.56 30.57 -18.61
C SER N 51 -12.23 29.52 -17.54
N GLN N 52 -10.95 29.37 -17.25
CA GLN N 52 -10.50 28.40 -16.25
C GLN N 52 -10.97 28.79 -14.85
N ALA N 53 -10.91 30.07 -14.53
CA ALA N 53 -11.32 30.56 -13.21
C ALA N 53 -12.81 30.32 -12.98
N VAL N 54 -13.59 30.41 -14.06
CA VAL N 54 -15.02 30.09 -13.97
C VAL N 54 -15.18 28.58 -13.90
N HIS N 55 -14.39 27.87 -14.70
CA HIS N 55 -14.45 26.41 -14.75
C HIS N 55 -14.16 25.78 -13.39
N ARG N 56 -13.16 26.29 -12.68
CA ARG N 56 -12.76 25.73 -11.40
C ARG N 56 -13.91 25.71 -10.38
N VAL N 57 -14.65 26.81 -10.30
CA VAL N 57 -15.78 26.88 -9.38
C VAL N 57 -16.95 26.04 -9.88
N TRP N 58 -17.21 26.12 -11.18
CA TRP N 58 -18.27 25.34 -11.79
C TRP N 58 -18.02 23.83 -11.66
N ALA N 59 -16.76 23.43 -11.78
CA ALA N 59 -16.40 22.01 -11.67
C ALA N 59 -16.52 21.53 -10.24
N ALA N 60 -16.28 22.42 -9.29
CA ALA N 60 -16.35 22.07 -7.87
C ALA N 60 -17.79 21.78 -7.45
N PHE N 61 -18.74 22.47 -8.07
CA PHE N 61 -20.16 22.27 -7.73
C PHE N 61 -20.73 21.05 -8.42
N GLU N 62 -20.41 20.88 -9.71
CA GLU N 62 -20.90 19.75 -10.48
C GLU N 62 -20.40 18.42 -9.93
N ASP N 63 -19.29 18.46 -9.19
CA ASP N 63 -18.76 17.27 -8.53
C ASP N 63 -19.51 16.97 -7.23
N LYS N 64 -20.54 17.75 -6.93
CA LYS N 64 -21.34 17.56 -5.73
C LYS N 64 -22.81 17.34 -6.08
#